data_6I7A
#
_entry.id   6I7A
#
_cell.length_a   90.351
_cell.length_b   90.351
_cell.length_c   166.591
_cell.angle_alpha   90.00
_cell.angle_beta   90.00
_cell.angle_gamma   90.00
#
_symmetry.space_group_name_H-M   'P 41 21 2'
#
loop_
_entity.id
_entity.type
_entity.pdbx_description
1 polymer 'Speckle-type POZ protein'
2 polymer 'Bromodomain-containing protein 3'
3 water water
#
loop_
_entity_poly.entity_id
_entity_poly.type
_entity_poly.pdbx_seq_one_letter_code
_entity_poly.pdbx_strand_id
1 'polypeptide(L)'
;GAMASGKVVKFSYMWTINNFSFCREEMGEVIKSSTFSSGANDKLKWCLRVNPKGLDEESKDYLSLYLLLVSCPKSEVRAK
FKFSILNAKGEETKAMESQRAYRFVQGKDWGFKKFIRRNFLLDEANGLLPDDKLTLFCEVSVVQD
;
A,C,E,G
2 'polypeptide(L)' KADTTTPTT B,D,F,H
#
# COMPACT_ATOMS: atom_id res chain seq x y z
N LYS A 7 24.31 34.02 -5.60
CA LYS A 7 23.99 33.10 -6.68
C LYS A 7 22.71 32.31 -6.37
N VAL A 8 22.07 32.67 -5.27
CA VAL A 8 20.86 31.95 -4.83
C VAL A 8 19.67 32.50 -5.58
N VAL A 9 18.92 31.61 -6.22
CA VAL A 9 17.67 31.95 -6.89
C VAL A 9 16.52 31.33 -6.09
N LYS A 10 15.58 32.17 -5.66
CA LYS A 10 14.45 31.75 -4.86
C LYS A 10 13.16 31.90 -5.67
N PHE A 11 12.27 30.92 -5.53
CA PHE A 11 11.00 30.93 -6.24
C PHE A 11 10.07 29.92 -5.59
N SER A 12 8.76 30.11 -5.82
CA SER A 12 7.74 29.31 -5.19
C SER A 12 6.73 28.81 -6.20
N TYR A 13 6.08 27.70 -5.87
CA TYR A 13 5.09 27.08 -6.73
C TYR A 13 3.92 26.62 -5.88
N MET A 14 2.70 26.89 -6.35
CA MET A 14 1.48 26.51 -5.68
C MET A 14 0.61 25.68 -6.61
N TRP A 15 -0.20 24.81 -6.01
CA TRP A 15 -0.90 23.79 -6.79
C TRP A 15 -2.13 23.35 -6.01
N THR A 16 -3.31 23.53 -6.61
CA THR A 16 -4.57 23.17 -5.97
C THR A 16 -5.11 21.91 -6.63
N ILE A 17 -5.25 20.85 -5.84
CA ILE A 17 -5.80 19.58 -6.30
C ILE A 17 -7.27 19.55 -5.90
N ASN A 18 -8.15 19.51 -6.91
CA ASN A 18 -9.58 19.47 -6.66
C ASN A 18 -10.01 18.09 -6.20
N ASN A 19 -11.06 18.05 -5.37
CA ASN A 19 -11.69 16.81 -4.90
C ASN A 19 -10.64 15.84 -4.36
N PHE A 20 -9.83 16.32 -3.41
CA PHE A 20 -8.69 15.53 -2.97
C PHE A 20 -9.12 14.22 -2.30
N SER A 21 -10.19 14.27 -1.50
CA SER A 21 -10.66 13.06 -0.83
C SER A 21 -11.09 11.98 -1.80
N PHE A 22 -11.42 12.35 -3.03
CA PHE A 22 -11.83 11.39 -4.05
C PHE A 22 -10.66 10.81 -4.84
N CYS A 23 -9.44 11.24 -4.56
CA CYS A 23 -8.27 10.72 -5.27
C CYS A 23 -8.13 9.22 -5.05
N ARG A 24 -8.51 8.43 -6.06
CA ARG A 24 -8.55 6.98 -5.96
C ARG A 24 -7.19 6.33 -5.81
N GLU A 25 -6.11 7.11 -5.74
CA GLU A 25 -4.77 6.54 -5.66
C GLU A 25 -4.60 5.75 -4.37
N GLU A 26 -3.90 4.62 -4.47
CA GLU A 26 -3.55 3.79 -3.34
C GLU A 26 -2.05 3.90 -3.07
N MET A 27 -1.60 3.17 -2.06
CA MET A 27 -0.21 3.22 -1.62
C MET A 27 0.74 2.97 -2.79
N GLY A 28 1.63 3.94 -3.05
CA GLY A 28 2.58 3.87 -4.14
C GLY A 28 2.16 4.68 -5.36
N GLU A 29 0.87 4.88 -5.57
CA GLU A 29 0.40 5.68 -6.70
C GLU A 29 0.77 7.14 -6.49
N VAL A 30 0.92 7.86 -7.60
CA VAL A 30 1.52 9.19 -7.63
C VAL A 30 0.55 10.19 -8.25
N ILE A 31 0.51 11.39 -7.69
CA ILE A 31 -0.05 12.58 -8.33
C ILE A 31 1.11 13.50 -8.69
N LYS A 32 1.17 13.92 -9.95
CA LYS A 32 2.25 14.77 -10.41
C LYS A 32 1.75 16.18 -10.70
N SER A 33 2.50 17.17 -10.25
CA SER A 33 2.22 18.55 -10.57
C SER A 33 2.57 18.83 -12.02
N SER A 34 2.37 20.08 -12.44
CA SER A 34 2.98 20.52 -13.67
C SER A 34 4.41 20.97 -13.39
N THR A 35 5.17 21.18 -14.46
CA THR A 35 6.53 21.68 -14.31
C THR A 35 6.50 23.16 -13.98
N PHE A 36 7.53 23.62 -13.26
CA PHE A 36 7.68 25.02 -12.89
C PHE A 36 9.17 25.35 -12.85
N SER A 37 9.51 26.64 -12.78
CA SER A 37 10.91 27.00 -12.96
C SER A 37 11.18 28.40 -12.41
N SER A 38 12.23 29.04 -12.93
CA SER A 38 12.77 30.34 -12.52
C SER A 38 13.41 30.26 -11.14
CA ASN A 41 16.78 29.59 -14.70
C ASN A 41 15.51 29.02 -15.35
N ASP A 42 15.03 29.70 -16.40
CA ASP A 42 13.82 29.28 -17.08
C ASP A 42 13.96 27.90 -17.73
N LYS A 43 15.19 27.42 -17.91
CA LYS A 43 15.42 26.11 -18.48
C LYS A 43 15.38 24.97 -17.45
N LEU A 44 15.65 25.27 -16.18
CA LEU A 44 15.68 24.24 -15.14
C LEU A 44 14.25 24.00 -14.67
N LYS A 45 13.68 22.85 -15.02
CA LYS A 45 12.30 22.53 -14.72
C LYS A 45 12.21 21.55 -13.54
N TRP A 46 11.28 21.86 -12.63
CA TRP A 46 11.02 21.04 -11.46
C TRP A 46 9.57 20.57 -11.48
N CYS A 47 9.27 19.56 -10.66
CA CYS A 47 7.90 19.13 -10.49
C CYS A 47 7.72 18.56 -9.09
N LEU A 48 6.47 18.52 -8.64
CA LEU A 48 6.10 17.95 -7.36
C LEU A 48 5.42 16.61 -7.59
N ARG A 49 5.72 15.65 -6.71
CA ARG A 49 5.09 14.34 -6.73
C ARG A 49 4.44 14.08 -5.38
N VAL A 50 3.18 13.64 -5.40
CA VAL A 50 2.42 13.40 -4.19
C VAL A 50 2.01 11.94 -4.16
N ASN A 51 2.21 11.29 -3.01
CA ASN A 51 1.65 9.97 -2.75
C ASN A 51 0.49 10.14 -1.78
N PRO A 52 -0.75 10.23 -2.27
CA PRO A 52 -1.87 10.53 -1.36
C PRO A 52 -2.07 9.50 -0.28
N LYS A 53 -1.82 8.22 -0.57
CA LYS A 53 -2.00 7.15 0.38
C LYS A 53 -0.66 6.58 0.85
N GLY A 54 0.38 7.40 0.87
CA GLY A 54 1.68 6.99 1.34
C GLY A 54 2.54 6.39 0.23
N LEU A 55 3.85 6.45 0.45
CA LEU A 55 4.79 5.88 -0.52
C LEU A 55 4.96 4.38 -0.31
N ASP A 56 5.33 3.97 0.90
CA ASP A 56 5.45 2.55 1.23
C ASP A 56 4.58 2.19 2.42
N GLU A 57 4.82 1.02 3.01
CA GLU A 57 4.02 0.58 4.14
C GLU A 57 4.38 1.32 5.43
N GLU A 58 5.63 1.76 5.56
CA GLU A 58 6.01 2.54 6.73
C GLU A 58 5.26 3.87 6.78
N SER A 59 5.06 4.49 5.62
CA SER A 59 4.32 5.74 5.50
C SER A 59 2.89 5.52 5.06
N LYS A 60 2.29 4.38 5.42
CA LYS A 60 0.93 4.09 4.98
C LYS A 60 -0.08 5.07 5.59
N ASP A 61 0.20 5.58 6.78
CA ASP A 61 -0.70 6.51 7.45
C ASP A 61 -0.45 7.97 7.08
N TYR A 62 0.42 8.24 6.12
CA TYR A 62 0.84 9.59 5.80
C TYR A 62 0.66 9.87 4.31
N LEU A 63 0.70 11.15 3.98
CA LEU A 63 0.85 11.61 2.61
C LEU A 63 2.31 11.97 2.38
N SER A 64 2.85 11.54 1.25
CA SER A 64 4.25 11.80 0.91
C SER A 64 4.32 12.90 -0.15
N LEU A 65 5.35 13.74 -0.05
CA LEU A 65 5.52 14.87 -0.95
C LEU A 65 6.99 15.00 -1.32
N TYR A 66 7.27 15.08 -2.62
CA TYR A 66 8.64 15.12 -3.11
C TYR A 66 8.81 16.21 -4.16
N LEU A 67 9.99 16.81 -4.16
CA LEU A 67 10.42 17.74 -5.19
C LEU A 67 11.34 17.00 -6.15
N LEU A 68 11.10 17.16 -7.45
CA LEU A 68 11.82 16.41 -8.48
C LEU A 68 12.42 17.37 -9.48
N LEU A 69 13.69 17.14 -9.83
CA LEU A 69 14.33 17.88 -10.92
C LEU A 69 14.06 17.13 -12.22
N VAL A 70 13.45 17.82 -13.17
CA VAL A 70 12.99 17.20 -14.41
C VAL A 70 13.99 17.40 -15.55
N SER A 71 14.49 18.62 -15.71
CA SER A 71 15.36 18.93 -16.83
CA SER A 71 15.35 18.94 -16.83
C SER A 71 16.76 18.40 -16.59
N CYS A 72 17.57 18.43 -17.65
CA CYS A 72 18.96 18.02 -17.59
C CYS A 72 19.82 19.23 -17.29
N PRO A 73 20.41 19.34 -16.09
CA PRO A 73 21.19 20.53 -15.78
C PRO A 73 22.55 20.50 -16.46
N LYS A 74 22.99 21.68 -16.92
CA LYS A 74 24.31 21.83 -17.50
C LYS A 74 25.40 22.03 -16.45
N SER A 75 25.02 22.15 -15.17
CA SER A 75 25.97 22.28 -14.08
C SER A 75 25.39 21.58 -12.86
N GLU A 76 26.21 21.45 -11.83
CA GLU A 76 25.73 20.83 -10.60
C GLU A 76 24.69 21.73 -9.91
N VAL A 77 23.64 21.11 -9.39
CA VAL A 77 22.51 21.82 -8.81
C VAL A 77 22.33 21.37 -7.36
N ARG A 78 22.31 22.35 -6.45
CA ARG A 78 22.01 22.11 -5.05
C ARG A 78 20.89 23.04 -4.64
N ALA A 79 19.85 22.49 -4.01
CA ALA A 79 18.66 23.26 -3.73
C ALA A 79 18.15 22.97 -2.32
N LYS A 80 17.66 24.02 -1.68
CA LYS A 80 16.85 23.90 -0.47
C LYS A 80 15.39 24.03 -0.85
N PHE A 81 14.51 23.39 -0.09
CA PHE A 81 13.09 23.43 -0.40
C PHE A 81 12.28 23.42 0.88
N LYS A 82 11.06 23.93 0.77
CA LYS A 82 10.10 23.97 1.86
C LYS A 82 8.72 23.67 1.30
N PHE A 83 8.04 22.68 1.89
CA PHE A 83 6.67 22.35 1.54
C PHE A 83 5.72 22.85 2.62
N SER A 84 4.53 23.26 2.20
CA SER A 84 3.49 23.65 3.15
C SER A 84 2.14 23.50 2.47
N ILE A 85 1.10 23.55 3.30
CA ILE A 85 -0.29 23.54 2.84
C ILE A 85 -0.86 24.92 3.11
N LEU A 86 -1.63 25.44 2.16
CA LEU A 86 -2.30 26.72 2.30
C LEU A 86 -3.72 26.50 2.79
N ASN A 87 -4.11 27.23 3.83
CA ASN A 87 -5.51 27.21 4.24
C ASN A 87 -6.32 28.14 3.33
N ALA A 88 -7.61 28.26 3.63
CA ALA A 88 -8.50 29.05 2.78
C ALA A 88 -8.09 30.51 2.72
N LYS A 89 -7.36 31.01 3.73
CA LYS A 89 -6.87 32.38 3.70
C LYS A 89 -5.54 32.51 2.98
N GLY A 90 -5.02 31.42 2.42
CA GLY A 90 -3.75 31.45 1.74
C GLY A 90 -2.53 31.41 2.63
N GLU A 91 -2.73 31.15 3.93
CA GLU A 91 -1.63 31.13 4.89
C GLU A 91 -0.97 29.76 4.91
N GLU A 92 0.36 29.77 5.03
CA GLU A 92 1.11 28.52 5.04
C GLU A 92 0.93 27.79 6.36
N THR A 93 0.58 26.51 6.28
CA THR A 93 0.39 25.66 7.46
C THR A 93 1.12 24.35 7.24
N LYS A 94 1.41 23.68 8.36
CA LYS A 94 2.04 22.34 8.35
C LYS A 94 3.33 22.35 7.52
N ALA A 95 4.11 23.41 7.67
CA ALA A 95 5.32 23.57 6.88
C ALA A 95 6.37 22.54 7.29
N MET A 96 7.17 22.11 6.32
CA MET A 96 8.25 21.17 6.56
C MET A 96 9.34 21.47 5.55
N GLU A 97 10.53 21.82 6.01
CA GLU A 97 11.61 22.24 5.13
C GLU A 97 12.80 21.31 5.27
N SER A 98 13.64 21.31 4.23
CA SER A 98 14.79 20.42 4.17
C SER A 98 15.89 20.83 5.14
N GLN A 99 15.85 22.07 5.65
CA GLN A 99 16.86 22.63 6.53
C GLN A 99 18.21 22.79 5.82
N ARG A 100 18.68 21.72 5.20
CA ARG A 100 19.94 21.72 4.46
C ARG A 100 19.67 21.65 2.96
N ALA A 101 20.71 21.96 2.19
CA ALA A 101 20.64 21.90 0.74
C ALA A 101 21.00 20.49 0.26
N TYR A 102 20.33 20.07 -0.81
CA TYR A 102 20.52 18.75 -1.37
C TYR A 102 20.92 18.86 -2.84
N ARG A 103 21.76 17.93 -3.28
CA ARG A 103 22.17 17.88 -4.68
C ARG A 103 21.10 17.21 -5.52
N PHE A 104 20.81 17.80 -6.68
CA PHE A 104 19.78 17.30 -7.58
C PHE A 104 20.42 17.01 -8.93
N VAL A 105 20.32 15.76 -9.36
CA VAL A 105 20.56 15.41 -10.75
C VAL A 105 19.20 15.20 -11.42
N GLN A 106 19.21 15.08 -12.75
CA GLN A 106 17.95 14.87 -13.46
C GLN A 106 17.28 13.60 -12.97
N GLY A 107 15.98 13.70 -12.69
CA GLY A 107 15.22 12.60 -12.16
C GLY A 107 15.36 12.35 -10.68
N LYS A 108 16.25 13.07 -10.00
CA LYS A 108 16.42 12.91 -8.56
C LYS A 108 15.30 13.62 -7.82
N ASP A 109 14.80 12.98 -6.76
CA ASP A 109 13.79 13.59 -5.92
C ASP A 109 14.26 13.66 -4.47
N TRP A 110 13.78 14.66 -3.77
CA TRP A 110 13.97 14.81 -2.34
C TRP A 110 12.67 15.30 -1.74
N GLY A 111 12.34 14.81 -0.55
CA GLY A 111 11.10 15.20 0.08
C GLY A 111 10.89 14.56 1.42
N PHE A 112 9.63 14.30 1.77
CA PHE A 112 9.27 13.75 3.08
C PHE A 112 8.28 12.62 2.88
N LYS A 113 8.76 11.39 3.14
CA LYS A 113 7.88 10.22 3.19
C LYS A 113 6.66 10.49 4.04
N LYS A 114 6.85 11.11 5.20
CA LYS A 114 5.78 11.42 6.14
C LYS A 114 5.65 12.94 6.21
N PHE A 115 5.03 13.51 5.17
CA PHE A 115 4.82 14.96 5.16
C PHE A 115 3.74 15.35 6.16
N ILE A 116 2.59 14.68 6.12
CA ILE A 116 1.51 14.95 7.05
C ILE A 116 0.70 13.67 7.23
N ARG A 117 0.19 13.47 8.44
CA ARG A 117 -0.64 12.32 8.73
C ARG A 117 -1.95 12.40 7.95
N ARG A 118 -2.31 11.30 7.28
CA ARG A 118 -3.54 11.28 6.51
C ARG A 118 -4.77 11.56 7.38
N ASN A 119 -4.77 11.13 8.64
CA ASN A 119 -5.92 11.42 9.49
C ASN A 119 -6.05 12.89 9.83
N PHE A 120 -4.92 13.57 10.07
CA PHE A 120 -5.02 15.00 10.34
C PHE A 120 -5.51 15.75 9.09
N LEU A 121 -4.99 15.39 7.93
CA LEU A 121 -5.37 16.09 6.70
C LEU A 121 -6.84 15.86 6.37
N LEU A 122 -7.33 14.63 6.50
CA LEU A 122 -8.68 14.31 6.08
C LEU A 122 -9.75 14.72 7.09
N ASP A 123 -9.35 15.12 8.30
CA ASP A 123 -10.31 15.57 9.31
C ASP A 123 -10.77 16.98 8.98
N GLU A 124 -12.06 17.13 8.70
CA GLU A 124 -12.62 18.43 8.37
C GLU A 124 -12.41 19.47 9.47
N ALA A 125 -12.24 19.02 10.72
CA ALA A 125 -12.04 19.95 11.82
C ALA A 125 -10.75 20.75 11.68
N ASN A 126 -9.76 20.22 10.95
CA ASN A 126 -8.49 20.90 10.78
C ASN A 126 -8.50 21.92 9.63
N GLY A 127 -9.51 21.85 8.75
CA GLY A 127 -9.69 22.88 7.75
C GLY A 127 -8.57 23.04 6.75
N LEU A 128 -7.89 21.95 6.37
CA LEU A 128 -6.85 21.98 5.36
C LEU A 128 -7.32 21.45 4.01
N LEU A 129 -8.58 21.04 3.89
CA LEU A 129 -9.18 20.68 2.61
C LEU A 129 -10.45 21.51 2.41
N PRO A 130 -10.32 22.83 2.27
CA PRO A 130 -11.51 23.65 2.05
C PRO A 130 -12.15 23.33 0.71
N ASP A 131 -13.45 23.06 0.72
CA ASP A 131 -14.20 22.63 -0.45
C ASP A 131 -13.55 21.41 -1.10
N ASP A 132 -12.97 20.54 -0.27
CA ASP A 132 -12.27 19.34 -0.72
C ASP A 132 -11.12 19.67 -1.67
N LYS A 133 -10.48 20.81 -1.47
CA LYS A 133 -9.33 21.23 -2.27
C LYS A 133 -8.07 21.19 -1.42
N LEU A 134 -7.02 20.55 -1.94
CA LEU A 134 -5.71 20.55 -1.30
C LEU A 134 -4.81 21.49 -2.09
N THR A 135 -4.37 22.57 -1.46
CA THR A 135 -3.48 23.54 -2.08
C THR A 135 -2.09 23.37 -1.47
N LEU A 136 -1.16 22.87 -2.28
CA LEU A 136 0.22 22.64 -1.84
C LEU A 136 1.10 23.82 -2.23
N PHE A 137 2.04 24.13 -1.36
CA PHE A 137 2.95 25.26 -1.54
C PHE A 137 4.38 24.74 -1.47
N CYS A 138 5.21 25.14 -2.43
CA CYS A 138 6.61 24.75 -2.42
C CYS A 138 7.47 25.96 -2.72
N GLU A 139 8.45 26.22 -1.86
CA GLU A 139 9.44 27.26 -2.08
C GLU A 139 10.81 26.62 -2.26
N VAL A 140 11.51 26.99 -3.32
CA VAL A 140 12.82 26.43 -3.65
C VAL A 140 13.85 27.54 -3.74
N SER A 141 15.04 27.28 -3.20
CA SER A 141 16.20 28.14 -3.36
C SER A 141 17.33 27.29 -3.94
N VAL A 142 17.86 27.69 -5.10
CA VAL A 142 18.78 26.86 -5.86
C VAL A 142 20.02 27.68 -6.22
N VAL A 143 21.15 26.98 -6.27
CA VAL A 143 22.41 27.54 -6.77
C VAL A 143 22.99 26.55 -7.77
N GLN A 144 23.29 27.04 -8.97
CA GLN A 144 23.96 26.23 -9.97
C GLN A 144 25.47 26.45 -9.89
N ASP A 145 26.21 25.52 -10.47
CA ASP A 145 27.68 25.49 -10.36
C ASP A 145 28.12 25.43 -8.90
N LYS B 1 14.55 14.36 8.91
CA LYS B 1 15.28 14.80 7.73
C LYS B 1 14.54 14.42 6.46
N ALA B 2 15.01 14.95 5.33
CA ALA B 2 14.42 14.62 4.05
C ALA B 2 14.95 13.29 3.54
N ASP B 3 14.13 12.62 2.73
CA ASP B 3 14.49 11.33 2.18
C ASP B 3 14.35 11.35 0.66
N THR B 4 14.91 10.33 0.02
CA THR B 4 14.84 10.16 -1.43
C THR B 4 14.40 8.75 -1.76
N THR B 5 13.82 8.58 -2.94
CA THR B 5 13.41 7.27 -3.44
C THR B 5 14.39 6.72 -4.47
N THR B 6 15.60 7.27 -4.53
CA THR B 6 16.61 7.05 -5.55
C THR B 6 17.94 6.81 -4.85
N PRO B 7 18.93 6.13 -5.46
CA PRO B 7 20.24 6.17 -4.81
C PRO B 7 20.93 7.53 -4.96
N LYS C 7 -18.83 -12.11 17.04
CA LYS C 7 -19.45 -12.95 16.03
C LYS C 7 -18.43 -13.41 14.97
N VAL C 8 -17.23 -12.81 15.01
CA VAL C 8 -16.16 -13.16 14.09
C VAL C 8 -15.25 -14.18 14.77
N VAL C 9 -15.00 -15.29 14.07
CA VAL C 9 -14.02 -16.28 14.52
C VAL C 9 -12.82 -16.20 13.60
N LYS C 10 -11.63 -16.10 14.18
CA LYS C 10 -10.38 -16.01 13.44
C LYS C 10 -9.54 -17.25 13.72
N PHE C 11 -8.88 -17.77 12.69
CA PHE C 11 -8.02 -18.93 12.86
C PHE C 11 -7.08 -19.02 11.67
N SER C 12 -5.96 -19.71 11.88
CA SER C 12 -4.88 -19.81 10.91
C SER C 12 -4.62 -21.26 10.54
N TYR C 13 -4.08 -21.45 9.34
CA TYR C 13 -3.69 -22.77 8.86
C TYR C 13 -2.44 -22.62 8.01
N MET C 14 -1.46 -23.48 8.25
CA MET C 14 -0.23 -23.52 7.48
C MET C 14 -0.03 -24.91 6.90
N TRP C 15 0.74 -24.96 5.81
CA TRP C 15 0.85 -26.17 5.00
C TRP C 15 2.18 -26.13 4.26
N THR C 16 3.06 -27.09 4.55
CA THR C 16 4.35 -27.19 3.89
C THR C 16 4.29 -28.27 2.82
N ILE C 17 4.60 -27.89 1.58
CA ILE C 17 4.66 -28.83 0.47
C ILE C 17 6.12 -29.11 0.17
N ASN C 18 6.53 -30.36 0.29
CA ASN C 18 7.91 -30.75 0.03
C ASN C 18 8.17 -30.85 -1.47
N ASN C 19 9.41 -30.53 -1.86
CA ASN C 19 9.90 -30.70 -3.23
C ASN C 19 8.98 -29.99 -4.23
N PHE C 20 8.68 -28.73 -3.95
CA PHE C 20 7.68 -28.02 -4.73
C PHE C 20 8.11 -27.85 -6.19
N SER C 21 9.41 -27.62 -6.42
CA SER C 21 9.89 -27.44 -7.79
C SER C 21 9.72 -28.70 -8.62
N PHE C 22 9.57 -29.86 -7.98
CA PHE C 22 9.39 -31.13 -8.68
C PHE C 22 7.93 -31.57 -8.73
N CYS C 23 7.00 -30.72 -8.32
CA CYS C 23 5.58 -31.08 -8.35
C CYS C 23 5.13 -31.24 -9.79
N ARG C 24 4.67 -32.44 -10.14
CA ARG C 24 4.33 -32.77 -11.53
C ARG C 24 2.84 -32.57 -11.78
N GLU C 25 2.38 -31.34 -11.54
CA GLU C 25 1.00 -30.94 -11.82
C GLU C 25 1.03 -29.88 -12.92
N GLU C 26 0.55 -30.25 -14.10
CA GLU C 26 0.46 -29.29 -15.19
C GLU C 26 -0.67 -28.30 -14.92
N MET C 27 -0.83 -27.34 -15.83
CA MET C 27 -1.86 -26.31 -15.71
C MET C 27 -3.23 -26.93 -15.48
N GLY C 28 -3.96 -26.40 -14.50
CA GLY C 28 -5.29 -26.87 -14.17
C GLY C 28 -5.34 -27.98 -13.14
N GLU C 29 -4.23 -28.66 -12.88
CA GLU C 29 -4.20 -29.72 -11.88
C GLU C 29 -4.10 -29.13 -10.48
N VAL C 30 -4.59 -29.89 -9.49
CA VAL C 30 -4.83 -29.38 -8.15
C VAL C 30 -4.08 -30.23 -7.14
N ILE C 31 -3.50 -29.56 -6.13
CA ILE C 31 -3.07 -30.19 -4.89
C ILE C 31 -3.98 -29.69 -3.77
N LYS C 32 -4.49 -30.61 -2.97
CA LYS C 32 -5.42 -30.30 -1.90
C LYS C 32 -4.76 -30.50 -0.55
N SER C 33 -4.93 -29.54 0.34
CA SER C 33 -4.42 -29.65 1.70
C SER C 33 -5.31 -30.56 2.52
N SER C 34 -4.96 -30.72 3.80
CA SER C 34 -5.87 -31.37 4.73
C SER C 34 -6.96 -30.39 5.14
N THR C 35 -7.99 -30.91 5.78
CA THR C 35 -9.03 -30.06 6.33
C THR C 35 -8.53 -29.38 7.60
N PHE C 36 -9.13 -28.23 7.90
CA PHE C 36 -8.83 -27.52 9.14
C PHE C 36 -10.08 -26.76 9.58
N SER C 37 -10.07 -26.32 10.82
CA SER C 37 -11.24 -25.67 11.41
C SER C 37 -10.79 -24.62 12.42
N SER C 38 -11.77 -23.96 13.03
CA SER C 38 -11.51 -22.89 13.98
C SER C 38 -11.25 -23.46 15.37
N GLY C 39 -11.01 -22.56 16.33
CA GLY C 39 -10.93 -22.97 17.73
C GLY C 39 -12.28 -23.24 18.34
N ALA C 40 -13.33 -22.60 17.83
CA ALA C 40 -14.68 -22.88 18.28
C ALA C 40 -15.14 -24.24 17.78
N ASN C 41 -16.25 -24.71 18.32
CA ASN C 41 -16.82 -26.02 17.97
C ASN C 41 -17.98 -25.89 17.00
N ASP C 42 -17.90 -24.96 16.04
CA ASP C 42 -18.92 -24.88 15.00
C ASP C 42 -18.84 -26.05 14.03
N LYS C 43 -17.73 -26.80 14.05
CA LYS C 43 -17.44 -27.97 13.22
C LYS C 43 -17.34 -27.64 11.74
N LEU C 44 -17.21 -26.36 11.38
CA LEU C 44 -16.99 -26.00 9.97
C LEU C 44 -15.56 -26.35 9.57
N LYS C 45 -15.41 -27.17 8.53
CA LYS C 45 -14.11 -27.61 8.07
C LYS C 45 -13.80 -26.98 6.72
N TRP C 46 -12.56 -26.49 6.57
CA TRP C 46 -12.08 -25.86 5.36
C TRP C 46 -10.85 -26.59 4.86
N CYS C 47 -10.46 -26.30 3.62
CA CYS C 47 -9.21 -26.81 3.08
C CYS C 47 -8.68 -25.83 2.06
N LEU C 48 -7.41 -25.99 1.70
CA LEU C 48 -6.77 -25.20 0.67
C LEU C 48 -6.59 -26.04 -0.58
N ARG C 49 -6.75 -25.40 -1.73
CA ARG C 49 -6.45 -25.99 -3.03
C ARG C 49 -5.53 -25.05 -3.79
N VAL C 50 -4.50 -25.60 -4.42
CA VAL C 50 -3.51 -24.80 -5.11
C VAL C 50 -3.23 -25.42 -6.47
N ASN C 51 -3.20 -24.58 -7.52
CA ASN C 51 -2.74 -24.98 -8.83
C ASN C 51 -1.27 -24.59 -8.95
N PRO C 52 -0.33 -25.53 -8.86
CA PRO C 52 1.09 -25.14 -8.93
C PRO C 52 1.46 -24.44 -10.23
N LYS C 53 0.85 -24.83 -11.35
CA LYS C 53 1.15 -24.25 -12.65
C LYS C 53 -0.04 -23.45 -13.19
N GLY C 54 -0.75 -22.78 -12.30
CA GLY C 54 -1.82 -21.90 -12.70
C GLY C 54 -3.15 -22.62 -12.94
N LEU C 55 -4.21 -21.82 -12.92
CA LEU C 55 -5.56 -22.36 -13.10
C LEU C 55 -5.90 -22.54 -14.57
N ASP C 56 -5.64 -21.51 -15.39
CA ASP C 56 -5.97 -21.53 -16.80
C ASP C 56 -4.84 -20.88 -17.58
N GLU C 57 -5.11 -20.56 -18.86
CA GLU C 57 -4.11 -19.89 -19.69
C GLU C 57 -3.82 -18.49 -19.19
N GLU C 58 -4.82 -17.80 -18.65
CA GLU C 58 -4.61 -16.46 -18.10
C GLU C 58 -3.71 -16.48 -16.88
N SER C 59 -3.56 -17.62 -16.21
CA SER C 59 -2.77 -17.71 -14.98
C SER C 59 -1.62 -18.71 -15.12
N LYS C 60 -1.21 -19.02 -16.35
CA LYS C 60 -0.18 -20.03 -16.57
C LYS C 60 1.15 -19.65 -15.94
N ASP C 61 1.41 -18.37 -15.75
CA ASP C 61 2.67 -17.93 -15.15
C ASP C 61 2.64 -17.95 -13.63
N TYR C 62 1.45 -18.03 -13.03
CA TYR C 62 1.29 -17.86 -11.60
C TYR C 62 0.97 -19.19 -10.91
N LEU C 63 1.09 -19.15 -9.59
CA LEU C 63 0.51 -20.17 -8.72
C LEU C 63 -0.86 -19.65 -8.27
N SER C 64 -1.87 -20.51 -8.37
CA SER C 64 -3.23 -20.16 -7.99
C SER C 64 -3.59 -20.83 -6.67
N LEU C 65 -4.22 -20.08 -5.77
CA LEU C 65 -4.51 -20.53 -4.42
C LEU C 65 -5.95 -20.21 -4.06
N TYR C 66 -6.66 -21.19 -3.49
CA TYR C 66 -8.08 -21.03 -3.18
C TYR C 66 -8.39 -21.59 -1.80
N LEU C 67 -9.32 -20.93 -1.12
CA LEU C 67 -9.91 -21.44 0.11
C LEU C 67 -11.26 -22.06 -0.21
N LEU C 68 -11.51 -23.24 0.34
CA LEU C 68 -12.73 -23.98 0.08
C LEU C 68 -13.40 -24.36 1.39
N LEU C 69 -14.72 -24.21 1.44
CA LEU C 69 -15.52 -24.71 2.55
C LEU C 69 -15.89 -26.16 2.26
N VAL C 70 -15.50 -27.06 3.15
CA VAL C 70 -15.67 -28.49 2.92
C VAL C 70 -16.97 -29.00 3.51
N SER C 71 -17.24 -28.65 4.77
CA SER C 71 -18.37 -29.19 5.49
C SER C 71 -19.68 -28.56 5.00
N CYS C 72 -20.80 -29.19 5.41
CA CYS C 72 -22.13 -28.72 5.07
C CYS C 72 -22.62 -27.78 6.16
N PRO C 73 -22.71 -26.47 5.91
CA PRO C 73 -23.08 -25.54 6.97
C PRO C 73 -24.59 -25.49 7.19
N LYS C 74 -24.96 -25.25 8.45
CA LYS C 74 -26.37 -25.13 8.81
C LYS C 74 -26.94 -23.75 8.53
N SER C 75 -26.09 -22.72 8.45
CA SER C 75 -26.55 -21.36 8.23
C SER C 75 -25.62 -20.68 7.23
N GLU C 76 -25.97 -19.43 6.90
CA GLU C 76 -25.16 -18.64 5.98
C GLU C 76 -23.74 -18.50 6.52
N VAL C 77 -22.77 -18.59 5.63
CA VAL C 77 -21.35 -18.48 5.97
C VAL C 77 -20.73 -17.42 5.08
N ARG C 78 -20.20 -16.36 5.70
CA ARG C 78 -19.43 -15.33 5.01
C ARG C 78 -18.05 -15.25 5.66
N ALA C 79 -17.02 -15.16 4.84
CA ALA C 79 -15.67 -15.21 5.37
C ALA C 79 -14.74 -14.32 4.57
N LYS C 80 -13.90 -13.59 5.28
CA LYS C 80 -12.71 -12.98 4.70
C LYS C 80 -11.54 -13.94 4.86
N PHE C 81 -10.57 -13.84 3.96
CA PHE C 81 -9.42 -14.72 4.01
C PHE C 81 -8.18 -13.94 3.59
N LYS C 82 -7.03 -14.51 3.93
CA LYS C 82 -5.75 -13.89 3.65
C LYS C 82 -4.72 -14.99 3.43
N PHE C 83 -4.11 -15.02 2.25
CA PHE C 83 -3.07 -15.98 1.93
C PHE C 83 -1.71 -15.30 2.01
N SER C 84 -0.69 -16.06 2.37
CA SER C 84 0.68 -15.58 2.36
C SER C 84 1.61 -16.77 2.30
N ILE C 85 2.90 -16.48 2.15
CA ILE C 85 3.95 -17.49 2.10
C ILE C 85 4.95 -17.19 3.20
N LEU C 86 5.33 -18.22 3.95
CA LEU C 86 6.26 -18.06 5.06
C LEU C 86 7.68 -18.33 4.58
N ASN C 87 8.62 -17.50 5.03
CA ASN C 87 10.03 -17.73 4.75
C ASN C 87 10.57 -18.74 5.76
N ALA C 88 11.89 -18.97 5.73
CA ALA C 88 12.49 -19.92 6.64
C ALA C 88 12.36 -19.51 8.10
N LYS C 89 12.18 -18.23 8.37
CA LYS C 89 11.96 -17.74 9.73
C LYS C 89 10.50 -17.78 10.15
N GLY C 90 9.61 -18.23 9.27
CA GLY C 90 8.19 -18.28 9.60
C GLY C 90 7.47 -16.96 9.47
N GLU C 91 8.06 -15.98 8.80
CA GLU C 91 7.45 -14.67 8.64
C GLU C 91 6.57 -14.65 7.39
N GLU C 92 5.40 -14.01 7.52
CA GLU C 92 4.48 -13.91 6.40
C GLU C 92 5.00 -12.93 5.36
N THR C 93 5.06 -13.36 4.11
CA THR C 93 5.47 -12.51 3.00
C THR C 93 4.51 -12.72 1.83
N LYS C 94 4.46 -11.70 0.96
CA LYS C 94 3.64 -11.75 -0.26
C LYS C 94 2.17 -12.03 0.06
N ALA C 95 1.65 -11.31 1.05
CA ALA C 95 0.28 -11.52 1.48
C ALA C 95 -0.71 -11.03 0.43
N MET C 96 -1.81 -11.75 0.28
CA MET C 96 -2.90 -11.36 -0.62
C MET C 96 -4.20 -11.57 0.13
N GLU C 97 -4.96 -10.51 0.32
CA GLU C 97 -6.16 -10.55 1.15
C GLU C 97 -7.41 -10.29 0.33
N SER C 98 -8.52 -10.81 0.81
CA SER C 98 -9.84 -10.41 0.35
C SER C 98 -10.28 -9.21 1.18
N GLN C 99 -10.52 -8.09 0.52
CA GLN C 99 -10.95 -6.90 1.25
C GLN C 99 -12.32 -7.10 1.87
N ARG C 100 -13.22 -7.77 1.15
CA ARG C 100 -14.57 -8.02 1.61
C ARG C 100 -14.73 -9.48 2.04
N ALA C 101 -15.83 -9.76 2.71
CA ALA C 101 -16.22 -11.13 3.01
C ALA C 101 -16.99 -11.72 1.85
N TYR C 102 -16.69 -12.96 1.51
CA TYR C 102 -17.37 -13.67 0.43
C TYR C 102 -18.24 -14.77 1.01
N ARG C 103 -19.35 -15.05 0.33
CA ARG C 103 -20.28 -16.07 0.77
C ARG C 103 -19.76 -17.45 0.41
N PHE C 104 -19.78 -18.38 1.37
CA PHE C 104 -19.33 -19.75 1.16
C PHE C 104 -20.49 -20.69 1.41
N VAL C 105 -20.81 -21.53 0.42
CA VAL C 105 -21.69 -22.66 0.64
C VAL C 105 -20.85 -23.92 0.53
N GLN C 106 -21.47 -25.08 0.71
CA GLN C 106 -20.74 -26.35 0.67
C GLN C 106 -20.04 -26.51 -0.68
N GLY C 107 -18.72 -26.68 -0.64
CA GLY C 107 -17.92 -26.84 -1.84
C GLY C 107 -17.54 -25.56 -2.54
N LYS C 108 -18.01 -24.41 -2.07
CA LYS C 108 -17.64 -23.14 -2.67
C LYS C 108 -16.17 -22.84 -2.43
N ASP C 109 -15.51 -22.31 -3.45
CA ASP C 109 -14.11 -21.89 -3.34
C ASP C 109 -13.98 -20.43 -3.70
N TRP C 110 -13.10 -19.72 -2.99
CA TRP C 110 -12.75 -18.34 -3.28
C TRP C 110 -11.25 -18.19 -3.11
N GLY C 111 -10.61 -17.44 -4.00
CA GLY C 111 -9.18 -17.24 -3.92
C GLY C 111 -8.61 -16.35 -5.00
N PHE C 112 -7.36 -16.59 -5.38
CA PHE C 112 -6.66 -15.77 -6.35
C PHE C 112 -5.97 -16.66 -7.37
N LYS C 113 -6.43 -16.60 -8.62
CA LYS C 113 -5.79 -17.38 -9.68
C LYS C 113 -4.37 -16.91 -9.95
N LYS C 114 -4.08 -15.64 -9.68
CA LYS C 114 -2.73 -15.12 -9.81
C LYS C 114 -2.18 -14.73 -8.45
N PHE C 115 -2.00 -15.72 -7.57
CA PHE C 115 -1.53 -15.42 -6.22
C PHE C 115 -0.09 -14.94 -6.22
N ILE C 116 0.79 -15.65 -6.92
CA ILE C 116 2.19 -15.26 -7.01
C ILE C 116 2.79 -15.94 -8.24
N ARG C 117 3.77 -15.29 -8.85
CA ARG C 117 4.43 -15.83 -10.02
C ARG C 117 5.31 -17.01 -9.64
N ARG C 118 5.28 -18.06 -10.47
CA ARG C 118 6.14 -19.22 -10.24
C ARG C 118 7.61 -18.82 -10.26
N ASN C 119 7.98 -17.91 -11.17
CA ASN C 119 9.38 -17.50 -11.28
C ASN C 119 9.85 -16.75 -10.04
N PHE C 120 8.96 -15.99 -9.40
CA PHE C 120 9.30 -15.36 -8.13
C PHE C 120 9.51 -16.40 -7.04
N LEU C 121 8.70 -17.47 -7.05
CA LEU C 121 8.84 -18.52 -6.05
C LEU C 121 10.14 -19.30 -6.23
N LEU C 122 10.50 -19.60 -7.47
CA LEU C 122 11.68 -20.41 -7.76
C LEU C 122 12.98 -19.63 -7.69
N ASP C 123 12.93 -18.33 -7.36
CA ASP C 123 14.13 -17.52 -7.21
C ASP C 123 14.65 -17.67 -5.79
N GLU C 124 15.81 -18.31 -5.64
CA GLU C 124 16.38 -18.55 -4.32
C GLU C 124 16.66 -17.27 -3.56
N ALA C 125 16.84 -16.14 -4.25
CA ALA C 125 17.09 -14.88 -3.59
C ALA C 125 15.88 -14.37 -2.83
N ASN C 126 14.68 -14.87 -3.14
CA ASN C 126 13.49 -14.48 -2.40
C ASN C 126 13.29 -15.30 -1.14
N GLY C 127 13.99 -16.42 -1.00
CA GLY C 127 13.94 -17.21 0.23
C GLY C 127 12.60 -17.84 0.53
N LEU C 128 11.77 -18.05 -0.49
CA LEU C 128 10.43 -18.59 -0.27
C LEU C 128 10.35 -20.09 -0.51
N LEU C 129 11.44 -20.73 -0.95
CA LEU C 129 11.49 -22.19 -1.11
C LEU C 129 12.72 -22.76 -0.39
N PRO C 130 12.81 -22.60 0.93
CA PRO C 130 13.96 -23.17 1.65
C PRO C 130 13.91 -24.69 1.62
N ASP C 131 15.01 -25.29 1.17
CA ASP C 131 15.09 -26.74 0.96
C ASP C 131 14.02 -27.22 0.00
N ASP C 132 13.64 -26.36 -0.96
CA ASP C 132 12.57 -26.64 -1.92
C ASP C 132 11.24 -26.93 -1.24
N LYS C 133 11.01 -26.29 -0.09
CA LYS C 133 9.76 -26.45 0.65
C LYS C 133 8.94 -25.16 0.51
N LEU C 134 7.68 -25.31 0.14
CA LEU C 134 6.74 -24.21 0.07
C LEU C 134 5.78 -24.30 1.25
N THR C 135 5.83 -23.32 2.14
CA THR C 135 4.96 -23.26 3.30
C THR C 135 3.93 -22.16 3.07
N LEU C 136 2.69 -22.56 2.80
CA LEU C 136 1.60 -21.62 2.60
C LEU C 136 0.92 -21.31 3.93
N PHE C 137 0.42 -20.08 4.03
CA PHE C 137 -0.25 -19.59 5.23
C PHE C 137 -1.61 -19.03 4.83
N CYS C 138 -2.61 -19.28 5.68
CA CYS C 138 -3.95 -18.77 5.43
C CYS C 138 -4.62 -18.42 6.75
N GLU C 139 -5.16 -17.20 6.83
CA GLU C 139 -5.97 -16.76 7.95
C GLU C 139 -7.40 -16.54 7.49
N VAL C 140 -8.35 -17.10 8.23
CA VAL C 140 -9.77 -17.01 7.89
C VAL C 140 -10.48 -16.23 8.99
N SER C 141 -11.39 -15.34 8.57
CA SER C 141 -12.26 -14.61 9.49
C SER C 141 -13.70 -14.91 9.09
N VAL C 142 -14.42 -15.62 9.95
CA VAL C 142 -15.74 -16.17 9.64
C VAL C 142 -16.80 -15.51 10.51
N VAL C 143 -17.94 -15.19 9.91
CA VAL C 143 -19.16 -14.85 10.63
C VAL C 143 -20.29 -15.71 10.08
N GLN C 144 -21.14 -16.22 10.98
CA GLN C 144 -22.29 -17.03 10.61
C GLN C 144 -23.55 -16.29 11.07
N ASP C 145 -24.31 -15.77 10.11
CA ASP C 145 -25.51 -15.02 10.42
C ASP C 145 -26.49 -15.04 9.25
N LYS D 1 -9.24 -8.48 -7.21
CA LYS D 1 -10.27 -9.09 -6.36
C LYS D 1 -10.23 -10.60 -6.44
N ALA D 2 -10.85 -11.25 -5.47
CA ALA D 2 -10.89 -12.71 -5.45
C ALA D 2 -11.74 -13.24 -6.60
N ASP D 3 -11.46 -14.48 -6.99
CA ASP D 3 -12.20 -15.15 -8.04
C ASP D 3 -12.60 -16.54 -7.58
N THR D 4 -13.64 -17.07 -8.20
CA THR D 4 -14.13 -18.41 -7.93
C THR D 4 -14.14 -19.23 -9.21
N THR D 5 -14.03 -20.55 -9.06
CA THR D 5 -14.16 -21.49 -10.16
C THR D 5 -15.55 -22.12 -10.25
N THR D 6 -16.41 -21.89 -9.27
CA THR D 6 -17.76 -22.43 -9.12
C THR D 6 -18.78 -21.46 -9.72
N PRO D 7 -20.11 -21.75 -9.76
CA PRO D 7 -21.06 -20.86 -10.45
C PRO D 7 -20.53 -19.81 -11.43
C LYS E 7 12.85 41.54 -5.12
N VAL E 8 13.22 40.76 -6.13
CA VAL E 8 12.26 40.22 -7.10
C VAL E 8 11.78 38.87 -6.58
N VAL E 9 10.49 38.80 -6.25
CA VAL E 9 9.87 37.58 -5.75
C VAL E 9 9.10 36.93 -6.90
N LYS E 10 9.43 35.67 -7.19
CA LYS E 10 8.83 34.93 -8.30
C LYS E 10 8.03 33.76 -7.76
N PHE E 11 6.84 33.54 -8.32
CA PHE E 11 5.99 32.47 -7.84
C PHE E 11 5.00 32.07 -8.93
N SER E 12 4.57 30.81 -8.89
CA SER E 12 3.70 30.23 -9.90
C SER E 12 2.55 29.48 -9.22
N TYR E 13 1.40 29.47 -9.89
CA TYR E 13 0.20 28.82 -9.37
C TYR E 13 -0.50 28.09 -10.51
N MET E 14 -0.79 26.81 -10.30
CA MET E 14 -1.56 26.02 -11.25
C MET E 14 -2.95 25.76 -10.69
N TRP E 15 -3.97 26.10 -11.47
CA TRP E 15 -5.35 26.09 -11.03
C TRP E 15 -6.22 25.40 -12.08
N THR E 16 -6.98 24.40 -11.64
CA THR E 16 -7.85 23.63 -12.53
C THR E 16 -9.30 23.89 -12.19
N ILE E 17 -10.11 24.20 -13.21
CA ILE E 17 -11.55 24.36 -13.07
C ILE E 17 -12.20 23.12 -13.65
N ASN E 18 -12.83 22.32 -12.79
CA ASN E 18 -13.51 21.11 -13.24
C ASN E 18 -14.83 21.44 -13.91
N ASN E 19 -15.19 20.63 -14.91
CA ASN E 19 -16.46 20.75 -15.63
C ASN E 19 -16.67 22.17 -16.13
N PHE E 20 -15.65 22.71 -16.80
CA PHE E 20 -15.65 24.13 -17.16
C PHE E 20 -16.86 24.49 -18.02
N SER E 21 -17.16 23.66 -19.02
CA SER E 21 -18.25 23.96 -19.93
C SER E 21 -19.62 23.92 -19.27
N PHE E 22 -19.71 23.42 -18.03
CA PHE E 22 -20.96 23.37 -17.30
C PHE E 22 -21.09 24.48 -16.26
N CYS E 23 -20.13 25.39 -16.18
CA CYS E 23 -20.15 26.41 -15.14
C CYS E 23 -21.35 27.33 -15.30
N ARG E 24 -22.13 27.47 -14.22
CA ARG E 24 -23.36 28.25 -14.25
C ARG E 24 -23.12 29.75 -14.34
N GLU E 25 -21.88 30.20 -14.17
CA GLU E 25 -21.59 31.63 -14.14
C GLU E 25 -21.94 32.27 -15.48
N GLU E 26 -22.80 33.28 -15.42
CA GLU E 26 -23.22 34.01 -16.62
C GLU E 26 -22.27 35.17 -16.87
N MET E 27 -22.61 36.00 -17.85
CA MET E 27 -21.77 37.15 -18.20
C MET E 27 -21.64 38.09 -17.00
N GLY E 28 -20.42 38.57 -16.77
CA GLY E 28 -20.14 39.46 -15.66
C GLY E 28 -19.86 38.79 -14.34
N GLU E 29 -20.33 37.56 -14.15
CA GLU E 29 -20.06 36.82 -12.93
C GLU E 29 -18.67 36.19 -13.00
N VAL E 30 -18.12 35.90 -11.82
CA VAL E 30 -16.71 35.52 -11.71
C VAL E 30 -16.61 34.17 -11.01
N ILE E 31 -15.61 33.39 -11.40
CA ILE E 31 -15.19 32.19 -10.69
C ILE E 31 -13.86 32.52 -10.03
N LYS E 32 -13.80 32.35 -8.71
CA LYS E 32 -12.64 32.74 -7.93
C LYS E 32 -11.75 31.54 -7.64
N SER E 33 -10.45 31.70 -7.84
CA SER E 33 -9.51 30.67 -7.46
C SER E 33 -9.34 30.63 -5.95
N SER E 34 -8.68 29.57 -5.48
CA SER E 34 -8.21 29.55 -4.10
C SER E 34 -7.24 30.70 -3.89
N THR E 35 -7.20 31.21 -2.67
CA THR E 35 -6.23 32.22 -2.32
C THR E 35 -4.85 31.59 -2.16
N PHE E 36 -3.85 32.16 -2.83
CA PHE E 36 -2.48 31.68 -2.76
C PHE E 36 -1.56 32.81 -2.32
N SER E 37 -0.27 32.49 -2.19
CA SER E 37 0.67 33.38 -1.54
C SER E 37 1.97 33.46 -2.32
N SER E 38 2.53 34.67 -2.41
CA SER E 38 3.84 34.84 -3.01
C SER E 38 4.96 34.43 -2.07
N GLY E 39 4.65 34.11 -0.81
CA GLY E 39 5.65 33.67 0.15
C GLY E 39 6.66 34.75 0.49
N ALA E 40 7.91 34.33 0.65
CA ALA E 40 9.05 35.23 0.89
C ALA E 40 8.79 35.99 2.20
N ASN E 41 9.19 37.26 2.29
CA ASN E 41 9.04 38.01 3.54
C ASN E 41 7.61 38.53 3.72
N ASP E 42 7.04 39.09 2.66
CA ASP E 42 5.74 39.76 2.79
C ASP E 42 4.60 38.78 3.02
N LYS E 43 4.69 37.58 2.43
CA LYS E 43 3.59 36.62 2.44
C LYS E 43 2.31 37.25 1.89
N LEU E 44 2.46 38.00 0.80
CA LEU E 44 1.32 38.62 0.14
C LEU E 44 0.34 37.55 -0.34
N LYS E 45 -0.95 37.86 -0.26
CA LYS E 45 -2.01 36.96 -0.67
C LYS E 45 -2.59 37.41 -2.01
N TRP E 46 -2.80 36.46 -2.92
CA TRP E 46 -3.34 36.73 -4.24
C TRP E 46 -4.44 35.73 -4.55
N CYS E 47 -5.23 36.05 -5.57
CA CYS E 47 -6.19 35.10 -6.12
C CYS E 47 -6.37 35.39 -7.59
N LEU E 48 -6.85 34.39 -8.33
CA LEU E 48 -7.18 34.54 -9.73
C LEU E 48 -8.69 34.59 -9.89
N ARG E 49 -9.14 35.37 -10.86
CA ARG E 49 -10.55 35.55 -11.14
C ARG E 49 -10.81 35.31 -12.62
N VAL E 50 -11.77 34.45 -12.92
CA VAL E 50 -12.12 34.12 -14.29
C VAL E 50 -13.56 34.55 -14.54
N ASN E 51 -13.77 35.30 -15.61
CA ASN E 51 -15.10 35.54 -16.14
C ASN E 51 -15.31 34.57 -17.28
N PRO E 52 -16.01 33.45 -17.07
CA PRO E 52 -16.10 32.44 -18.14
C PRO E 52 -16.86 32.91 -19.36
N LYS E 53 -17.69 33.93 -19.22
CA LYS E 53 -18.42 34.53 -20.34
C LYS E 53 -18.14 36.02 -20.46
N GLY E 54 -16.93 36.44 -20.11
CA GLY E 54 -16.56 37.83 -20.18
C GLY E 54 -17.30 38.68 -19.14
N LEU E 55 -16.99 39.98 -19.18
CA LEU E 55 -17.59 40.93 -18.25
C LEU E 55 -18.82 41.64 -18.81
N ASP E 56 -18.89 41.82 -20.12
CA ASP E 56 -19.96 42.60 -20.73
C ASP E 56 -20.22 42.05 -22.13
N GLU E 57 -21.05 42.77 -22.89
CA GLU E 57 -21.36 42.33 -24.26
C GLU E 57 -20.16 42.48 -25.18
N GLU E 58 -19.28 43.45 -24.90
CA GLU E 58 -18.08 43.62 -25.72
C GLU E 58 -17.20 42.37 -25.68
N SER E 59 -17.09 41.73 -24.51
CA SER E 59 -16.24 40.57 -24.33
C SER E 59 -17.05 39.31 -24.01
N LYS E 60 -18.31 39.26 -24.42
CA LYS E 60 -19.15 38.09 -24.15
C LYS E 60 -18.64 36.84 -24.86
N ASP E 61 -17.82 37.01 -25.90
CA ASP E 61 -17.26 35.87 -26.63
C ASP E 61 -16.01 35.32 -25.97
N TYR E 62 -15.49 35.97 -24.93
CA TYR E 62 -14.18 35.65 -24.39
C TYR E 62 -14.28 35.19 -22.94
N LEU E 63 -13.26 34.44 -22.54
CA LEU E 63 -12.95 34.20 -21.14
C LEU E 63 -12.05 35.33 -20.66
N SER E 64 -12.40 35.94 -19.53
CA SER E 64 -11.57 36.98 -18.93
C SER E 64 -10.84 36.41 -17.72
N LEU E 65 -9.59 36.84 -17.55
CA LEU E 65 -8.72 36.30 -16.51
C LEU E 65 -7.96 37.44 -15.85
N TYR E 66 -8.04 37.53 -14.52
CA TYR E 66 -7.43 38.62 -13.79
C TYR E 66 -6.67 38.11 -12.58
N LEU E 67 -5.53 38.74 -12.32
CA LEU E 67 -4.78 38.55 -11.08
C LEU E 67 -5.16 39.67 -10.11
N LEU E 68 -5.47 39.28 -8.87
CA LEU E 68 -5.93 40.23 -7.86
C LEU E 68 -5.08 40.10 -6.61
N LEU E 69 -4.67 41.24 -6.06
CA LEU E 69 -3.96 41.28 -4.79
C LEU E 69 -4.98 41.33 -3.66
N VAL E 70 -4.93 40.34 -2.78
CA VAL E 70 -5.95 40.17 -1.74
C VAL E 70 -5.56 40.86 -0.44
N SER E 71 -4.30 40.74 -0.03
CA SER E 71 -3.87 41.21 1.27
C SER E 71 -3.54 42.70 1.23
N CYS E 72 -3.37 43.28 2.43
CA CYS E 72 -3.03 44.69 2.58
C CYS E 72 -1.51 44.83 2.58
N PRO E 73 -0.91 45.39 1.53
CA PRO E 73 0.56 45.46 1.46
C PRO E 73 1.12 46.54 2.36
N LYS E 74 2.29 46.26 2.94
CA LYS E 74 2.94 47.25 3.79
C LYS E 74 3.53 48.39 2.98
N SER E 75 3.91 48.14 1.73
CA SER E 75 4.47 49.16 0.86
C SER E 75 3.88 48.97 -0.54
N GLU E 76 4.40 49.73 -1.49
CA GLU E 76 3.90 49.63 -2.87
C GLU E 76 4.26 48.28 -3.48
N VAL E 77 3.36 47.79 -4.33
CA VAL E 77 3.51 46.47 -4.96
C VAL E 77 3.43 46.66 -6.47
N ARG E 78 4.50 46.26 -7.16
CA ARG E 78 4.54 46.24 -8.61
C ARG E 78 4.91 44.84 -9.07
N ALA E 79 4.20 44.32 -10.08
CA ALA E 79 4.38 42.94 -10.47
C ALA E 79 4.10 42.75 -11.96
N LYS E 80 4.93 41.93 -12.60
CA LYS E 80 4.66 41.41 -13.93
C LYS E 80 4.03 40.04 -13.80
N PHE E 81 3.19 39.67 -14.77
CA PHE E 81 2.49 38.39 -14.68
C PHE E 81 2.31 37.81 -16.08
N LYS E 82 2.10 36.50 -16.11
CA LYS E 82 1.86 35.76 -17.35
C LYS E 82 0.82 34.69 -17.09
N PHE E 83 -0.22 34.65 -17.91
CA PHE E 83 -1.25 33.62 -17.85
C PHE E 83 -1.13 32.70 -19.05
N SER E 84 -1.35 31.41 -18.85
CA SER E 84 -1.33 30.45 -19.94
C SER E 84 -2.19 29.25 -19.60
N ILE E 85 -2.52 28.47 -20.62
CA ILE E 85 -3.32 27.26 -20.49
C ILE E 85 -2.41 26.06 -20.71
N LEU E 86 -2.65 25.00 -19.95
CA LEU E 86 -1.91 23.75 -20.09
C LEU E 86 -2.79 22.73 -20.80
N ASN E 87 -2.29 22.17 -21.90
CA ASN E 87 -3.04 21.16 -22.63
C ASN E 87 -2.94 19.83 -21.91
N ALA E 88 -3.45 18.76 -22.53
CA ALA E 88 -3.42 17.45 -21.90
C ALA E 88 -2.00 16.98 -21.65
N LYS E 89 -1.08 17.30 -22.56
CA LYS E 89 0.33 16.96 -22.37
C LYS E 89 1.01 17.81 -21.31
N GLY E 90 0.33 18.80 -20.75
CA GLY E 90 0.95 19.66 -19.76
C GLY E 90 1.80 20.77 -20.34
N GLU E 91 1.65 21.05 -21.63
CA GLU E 91 2.46 22.06 -22.30
C GLU E 91 1.76 23.42 -22.26
N GLU E 92 2.58 24.47 -22.20
CA GLU E 92 2.06 25.83 -22.22
C GLU E 92 1.50 26.17 -23.60
N THR E 93 0.39 26.92 -23.62
CA THR E 93 -0.18 27.37 -24.87
C THR E 93 -1.09 28.57 -24.59
N LYS E 94 -1.28 29.37 -25.65
CA LYS E 94 -2.13 30.56 -25.60
C LYS E 94 -1.76 31.46 -24.43
N ALA E 95 -0.46 31.67 -24.27
CA ALA E 95 0.04 32.50 -23.17
C ALA E 95 -0.23 33.97 -23.45
N MET E 96 -0.50 34.71 -22.39
CA MET E 96 -0.68 36.16 -22.44
C MET E 96 -0.01 36.76 -21.22
N GLU E 97 0.89 37.70 -21.44
CA GLU E 97 1.71 38.25 -20.37
C GLU E 97 1.72 39.77 -20.43
N SER E 98 2.00 40.38 -19.28
CA SER E 98 2.18 41.82 -19.21
C SER E 98 3.57 42.18 -19.71
N GLN E 99 3.64 43.18 -20.59
CA GLN E 99 4.91 43.65 -21.11
C GLN E 99 5.59 44.64 -20.16
N ARG E 100 5.09 44.76 -18.95
CA ARG E 100 5.66 45.65 -17.92
C ARG E 100 4.99 45.32 -16.60
N ALA E 101 5.55 45.85 -15.52
CA ALA E 101 4.97 45.66 -14.21
C ALA E 101 3.81 46.64 -14.00
N TYR E 102 2.85 46.21 -13.18
CA TYR E 102 1.68 47.03 -12.87
C TYR E 102 1.57 47.20 -11.36
N ARG E 103 1.02 48.34 -10.95
CA ARG E 103 0.88 48.66 -9.54
C ARG E 103 -0.33 47.94 -8.96
N PHE E 104 -0.14 47.31 -7.81
CA PHE E 104 -1.20 46.57 -7.12
C PHE E 104 -1.40 47.17 -5.74
N VAL E 105 -2.57 47.73 -5.50
CA VAL E 105 -3.03 48.01 -4.16
C VAL E 105 -3.96 46.88 -3.74
N GLN E 106 -4.38 46.88 -2.47
CA GLN E 106 -5.28 45.82 -2.01
C GLN E 106 -6.59 45.89 -2.79
N GLY E 107 -7.04 44.72 -3.26
CA GLY E 107 -8.24 44.64 -4.06
C GLY E 107 -8.08 45.06 -5.50
N LYS E 108 -6.89 45.44 -5.93
CA LYS E 108 -6.67 45.85 -7.31
C LYS E 108 -6.48 44.62 -8.19
N ASP E 109 -7.12 44.65 -9.36
CA ASP E 109 -7.04 43.57 -10.32
C ASP E 109 -6.32 44.03 -11.59
N TRP E 110 -5.54 43.14 -12.18
CA TRP E 110 -4.92 43.36 -13.47
C TRP E 110 -4.94 42.05 -14.23
N GLY E 111 -5.26 42.12 -15.52
CA GLY E 111 -5.35 40.93 -16.33
C GLY E 111 -5.73 41.20 -17.76
N PHE E 112 -6.51 40.31 -18.36
CA PHE E 112 -6.85 40.40 -19.78
C PHE E 112 -8.34 40.15 -19.94
N LYS E 113 -9.07 41.21 -20.31
CA LYS E 113 -10.51 41.12 -20.52
C LYS E 113 -10.86 40.12 -21.61
N LYS E 114 -10.01 39.98 -22.61
CA LYS E 114 -10.21 39.04 -23.72
C LYS E 114 -9.03 38.08 -23.75
N PHE E 115 -8.98 37.18 -22.77
CA PHE E 115 -7.84 36.26 -22.66
C PHE E 115 -7.86 35.22 -23.78
N ILE E 116 -9.01 34.60 -24.03
CA ILE E 116 -9.13 33.59 -25.07
C ILE E 116 -10.60 33.48 -25.46
N ARG E 117 -10.84 33.22 -26.74
CA ARG E 117 -12.20 33.04 -27.23
C ARG E 117 -12.82 31.77 -26.67
N ARG E 118 -14.08 31.87 -26.24
CA ARG E 118 -14.78 30.69 -25.75
C ARG E 118 -14.89 29.62 -26.82
N ASN E 119 -15.14 30.02 -28.07
CA ASN E 119 -15.29 29.05 -29.15
C ASN E 119 -14.02 28.25 -29.35
N PHE E 120 -12.86 28.91 -29.32
CA PHE E 120 -11.60 28.18 -29.43
C PHE E 120 -11.39 27.25 -28.24
N LEU E 121 -11.75 27.71 -27.04
CA LEU E 121 -11.50 26.92 -25.83
C LEU E 121 -12.33 25.65 -25.82
N LEU E 122 -13.60 25.74 -26.19
CA LEU E 122 -14.51 24.60 -26.15
C LEU E 122 -14.44 23.73 -27.41
N ASP E 123 -13.62 24.11 -28.39
CA ASP E 123 -13.41 23.27 -29.57
C ASP E 123 -12.47 22.14 -29.18
N GLU E 124 -12.97 20.90 -29.21
CA GLU E 124 -12.21 19.76 -28.71
C GLU E 124 -10.95 19.49 -29.53
N ALA E 125 -10.84 20.04 -30.74
CA ALA E 125 -9.66 19.81 -31.55
C ALA E 125 -8.42 20.46 -30.93
N ASN E 126 -8.60 21.51 -30.14
CA ASN E 126 -7.47 22.22 -29.55
C ASN E 126 -6.95 21.58 -28.27
N GLY E 127 -7.68 20.63 -27.70
CA GLY E 127 -7.20 19.90 -26.55
C GLY E 127 -6.98 20.75 -25.31
N LEU E 128 -7.73 21.84 -25.16
CA LEU E 128 -7.58 22.71 -24.01
C LEU E 128 -8.51 22.34 -22.86
N LEU E 129 -9.42 21.39 -23.05
CA LEU E 129 -10.34 20.94 -22.02
C LEU E 129 -10.37 19.41 -21.93
N PRO E 130 -9.24 18.78 -21.57
CA PRO E 130 -9.26 17.33 -21.40
C PRO E 130 -10.13 16.96 -20.20
N ASP E 131 -11.08 16.04 -20.43
CA ASP E 131 -12.07 15.66 -19.43
C ASP E 131 -12.84 16.88 -18.91
N ASP E 132 -13.05 17.86 -19.79
CA ASP E 132 -13.77 19.09 -19.46
C ASP E 132 -13.10 19.87 -18.32
N LYS E 133 -11.78 19.74 -18.19
CA LYS E 133 -11.02 20.44 -17.17
C LYS E 133 -10.22 21.56 -17.83
N LEU E 134 -10.35 22.78 -17.28
CA LEU E 134 -9.54 23.91 -17.70
C LEU E 134 -8.45 24.14 -16.68
N THR E 135 -7.19 23.99 -17.11
CA THR E 135 -6.03 24.15 -16.25
C THR E 135 -5.30 25.44 -16.62
N LEU E 136 -5.23 26.37 -15.68
CA LEU E 136 -4.58 27.65 -15.88
C LEU E 136 -3.27 27.71 -15.12
N PHE E 137 -2.29 28.39 -15.69
CA PHE E 137 -0.96 28.53 -15.11
C PHE E 137 -0.63 30.02 -15.01
N CYS E 138 -0.38 30.49 -13.80
CA CYS E 138 -0.12 31.91 -13.54
C CYS E 138 1.30 32.04 -13.01
N GLU E 139 2.11 32.86 -13.69
CA GLU E 139 3.48 33.14 -13.28
C GLU E 139 3.61 34.63 -13.01
N VAL E 140 4.11 34.99 -11.83
CA VAL E 140 4.19 36.38 -11.40
C VAL E 140 5.58 36.69 -10.90
N SER E 141 6.05 37.91 -11.17
CA SER E 141 7.29 38.44 -10.62
C SER E 141 6.96 39.75 -9.91
N VAL E 142 7.03 39.74 -8.58
CA VAL E 142 6.74 40.94 -7.79
C VAL E 142 8.04 41.75 -7.71
N VAL E 143 8.13 42.82 -8.48
CA VAL E 143 9.36 43.62 -8.52
C VAL E 143 9.49 44.49 -7.27
N GLN E 144 8.38 45.04 -6.79
CA GLN E 144 8.41 46.01 -5.70
C GLN E 144 7.70 45.44 -4.49
N ASP E 145 8.48 45.06 -3.47
CA ASP E 145 8.02 44.67 -2.14
C ASP E 145 6.61 44.08 -2.07
N LYS F 1 -2.34 44.51 -24.22
CA LYS F 1 -2.16 45.32 -23.02
C LYS F 1 -3.08 44.87 -21.89
N ALA F 2 -2.52 44.77 -20.69
CA ALA F 2 -3.33 44.40 -19.53
C ALA F 2 -4.34 45.50 -19.20
N ASP F 3 -5.46 45.10 -18.63
CA ASP F 3 -6.53 46.02 -18.27
C ASP F 3 -6.95 45.77 -16.83
N THR F 4 -7.76 46.68 -16.32
CA THR F 4 -8.29 46.61 -14.95
C THR F 4 -9.77 46.90 -14.96
N THR F 5 -10.46 46.46 -13.91
CA THR F 5 -11.89 46.67 -13.76
C THR F 5 -12.21 47.77 -12.74
N THR F 6 -11.21 48.50 -12.27
CA THR F 6 -11.36 49.56 -11.29
C THR F 6 -10.49 50.75 -11.69
N PRO F 7 -10.67 51.93 -11.08
CA PRO F 7 -9.73 53.01 -11.41
C PRO F 7 -8.39 52.87 -10.69
C LYS G 7 -7.72 -15.15 22.87
N VAL G 8 -8.36 -16.28 22.60
CA VAL G 8 -7.66 -17.48 22.19
C VAL G 8 -7.30 -17.39 20.72
N VAL G 9 -6.03 -17.62 20.41
CA VAL G 9 -5.54 -17.66 19.03
C VAL G 9 -5.36 -19.11 18.65
N LYS G 10 -6.02 -19.52 17.55
CA LYS G 10 -6.02 -20.90 17.10
C LYS G 10 -5.31 -21.01 15.75
N PHE G 11 -4.44 -22.00 15.63
CA PHE G 11 -3.75 -22.22 14.36
C PHE G 11 -3.44 -23.70 14.22
N SER G 12 -3.30 -24.14 12.95
CA SER G 12 -3.04 -25.52 12.61
C SER G 12 -1.92 -25.60 11.59
N TYR G 13 -1.23 -26.74 11.58
CA TYR G 13 -0.08 -26.93 10.70
C TYR G 13 -0.03 -28.38 10.23
N MET G 14 0.05 -28.57 8.92
CA MET G 14 0.23 -29.90 8.34
C MET G 14 1.64 -30.03 7.81
N TRP G 15 2.32 -31.10 8.21
CA TRP G 15 3.73 -31.30 7.92
C TRP G 15 3.94 -32.74 7.48
N THR G 16 4.72 -32.92 6.42
CA THR G 16 4.98 -34.23 5.84
C THR G 16 6.47 -34.53 5.92
N ILE G 17 6.82 -35.70 6.44
CA ILE G 17 8.19 -36.18 6.49
C ILE G 17 8.35 -37.19 5.36
N ASN G 18 9.12 -36.82 4.34
CA ASN G 18 9.37 -37.70 3.20
C ASN G 18 10.29 -38.84 3.60
N ASN G 19 10.08 -40.00 2.96
CA ASN G 19 10.96 -41.15 3.06
C ASN G 19 11.29 -41.50 4.51
N PHE G 20 10.23 -41.73 5.30
CA PHE G 20 10.39 -41.85 6.74
C PHE G 20 11.24 -43.06 7.11
N SER G 21 11.03 -44.20 6.43
CA SER G 21 11.82 -45.39 6.73
C SER G 21 13.30 -45.20 6.43
N PHE G 22 13.68 -44.11 5.76
CA PHE G 22 15.08 -43.82 5.44
C PHE G 22 15.73 -42.86 6.44
N CYS G 23 14.96 -42.23 7.31
CA CYS G 23 15.51 -41.21 8.20
C CYS G 23 16.57 -41.79 9.11
N ARG G 24 17.74 -41.17 9.12
CA ARG G 24 18.90 -41.68 9.86
C ARG G 24 18.80 -41.41 11.36
N GLU G 26 19.39 -41.63 14.72
CA GLU G 26 19.32 -42.58 15.83
C GLU G 26 18.66 -41.94 17.04
N MET G 27 18.61 -42.69 18.14
CA MET G 27 17.96 -42.22 19.35
C MET G 27 18.64 -40.97 19.89
N GLY G 28 17.86 -39.91 20.09
CA GLY G 28 18.34 -38.64 20.59
C GLY G 28 18.34 -37.53 19.57
N GLU G 29 18.56 -37.85 18.30
CA GLU G 29 18.58 -36.85 17.24
C GLU G 29 17.17 -36.59 16.73
N VAL G 30 16.96 -35.38 16.21
CA VAL G 30 15.63 -34.87 15.96
C VAL G 30 15.48 -34.43 14.50
N ILE G 31 14.29 -34.62 13.97
CA ILE G 31 13.89 -34.05 12.68
C ILE G 31 13.07 -32.80 12.96
N LYS G 32 13.55 -31.66 12.48
CA LYS G 32 12.89 -30.38 12.72
C LYS G 32 12.05 -29.99 11.51
N SER G 33 10.84 -29.51 11.77
CA SER G 33 9.97 -29.03 10.72
C SER G 33 10.32 -27.59 10.35
N SER G 34 9.65 -27.10 9.31
CA SER G 34 9.71 -25.68 9.00
C SER G 34 9.15 -24.87 10.16
N THR G 35 9.66 -23.65 10.30
CA THR G 35 9.11 -22.73 11.29
C THR G 35 7.80 -22.17 10.79
N PHE G 36 6.77 -22.23 11.63
CA PHE G 36 5.45 -21.69 11.31
C PHE G 36 5.06 -20.69 12.38
N SER G 37 3.92 -20.03 12.17
CA SER G 37 3.53 -18.90 13.00
C SER G 37 2.09 -19.02 13.44
N SER G 38 1.81 -18.55 14.65
CA SER G 38 0.44 -18.45 15.13
C SER G 38 -0.30 -17.24 14.56
N GLY G 39 0.40 -16.36 13.85
CA GLY G 39 -0.26 -15.21 13.25
C GLY G 39 -0.77 -14.25 14.30
N ALA G 40 -1.94 -13.69 14.05
CA ALA G 40 -2.62 -12.75 14.95
C ALA G 40 -1.69 -11.56 15.17
N ASN G 41 -1.58 -11.04 16.39
CA ASN G 41 -0.78 -9.84 16.66
C ASN G 41 0.67 -10.16 16.95
N ASP G 42 0.93 -11.12 17.85
CA ASP G 42 2.29 -11.38 18.29
C ASP G 42 3.14 -12.04 17.21
N LYS G 43 2.52 -12.81 16.32
CA LYS G 43 3.24 -13.58 15.29
C LYS G 43 4.30 -14.47 15.93
N LEU G 44 3.89 -15.19 16.98
CA LEU G 44 4.78 -16.13 17.63
C LEU G 44 5.20 -17.22 16.65
N LYS G 45 6.48 -17.58 16.69
CA LYS G 45 7.04 -18.56 15.77
C LYS G 45 7.25 -19.89 16.48
N TRP G 46 6.97 -20.98 15.77
CA TRP G 46 6.99 -22.31 16.35
C TRP G 46 7.65 -23.29 15.40
N CYS G 47 7.99 -24.47 15.93
CA CYS G 47 8.46 -25.57 15.12
C CYS G 47 8.08 -26.88 15.79
N LEU G 48 7.96 -27.93 14.99
CA LEU G 48 7.73 -29.27 15.48
C LEU G 48 9.03 -30.05 15.46
N ARG G 49 9.25 -30.84 16.51
CA ARG G 49 10.46 -31.66 16.64
C ARG G 49 10.04 -33.12 16.73
N VAL G 50 10.68 -33.97 15.92
CA VAL G 50 10.34 -35.38 15.85
C VAL G 50 11.59 -36.20 16.15
N ASN G 51 11.48 -37.11 17.12
CA ASN G 51 12.52 -38.09 17.36
C ASN G 51 12.06 -39.42 16.78
N PRO G 52 12.54 -39.83 15.60
CA PRO G 52 12.01 -41.06 14.98
C PRO G 52 12.31 -42.32 15.77
N LYS G 53 13.34 -42.31 16.62
CA LYS G 53 13.68 -43.47 17.44
C LYS G 53 13.69 -43.11 18.92
N GLY G 54 12.81 -42.22 19.33
CA GLY G 54 12.69 -41.86 20.73
C GLY G 54 13.84 -41.00 21.23
N LEU G 55 13.85 -40.82 22.56
CA LEU G 55 14.87 -40.03 23.23
C LEU G 55 15.78 -40.83 24.14
N ASP G 56 15.28 -41.92 24.72
CA ASP G 56 16.04 -42.69 25.70
C ASP G 56 15.68 -44.16 25.55
N GLU G 57 16.28 -44.99 26.41
CA GLU G 57 15.96 -46.41 26.42
C GLU G 57 14.51 -46.68 26.79
N GLU G 58 13.88 -45.76 27.53
CA GLU G 58 12.47 -45.91 27.85
C GLU G 58 11.57 -45.69 26.64
N SER G 59 11.97 -44.76 25.75
CA SER G 59 11.18 -44.43 24.57
C SER G 59 11.83 -44.94 23.29
N LYS G 60 12.66 -45.98 23.39
CA LYS G 60 13.40 -46.45 22.22
C LYS G 60 12.47 -47.01 21.14
N ASP G 61 11.35 -47.61 21.55
CA ASP G 61 10.42 -48.23 20.62
C ASP G 61 9.36 -47.24 20.10
N TYR G 62 9.51 -45.95 20.39
CA TYR G 62 8.49 -44.98 20.07
C TYR G 62 9.05 -43.86 19.21
N LEU G 63 8.14 -43.18 18.50
CA LEU G 63 8.43 -41.90 17.90
C LEU G 63 7.96 -40.80 18.86
N SER G 64 8.81 -39.82 19.10
CA SER G 64 8.48 -38.70 19.96
C SER G 64 8.17 -37.47 19.11
N LEU G 65 7.21 -36.67 19.58
CA LEU G 65 6.76 -35.48 18.86
C LEU G 65 6.61 -34.32 19.84
N TYR G 66 7.19 -33.18 19.51
CA TYR G 66 7.22 -32.04 20.41
C TYR G 66 6.91 -30.74 19.66
N LEU G 67 6.18 -29.86 20.33
CA LEU G 67 5.95 -28.49 19.85
C LEU G 67 6.90 -27.56 20.58
N LEU G 68 7.54 -26.66 19.83
CA LEU G 68 8.57 -25.79 20.38
C LEU G 68 8.27 -24.34 20.04
N LEU G 69 8.41 -23.46 21.02
CA LEU G 69 8.27 -22.02 20.80
C LEU G 69 9.63 -21.48 20.36
N VAL G 70 9.70 -20.93 19.16
CA VAL G 70 10.97 -20.50 18.58
C VAL G 70 11.29 -19.05 18.94
N SER G 71 10.31 -18.16 18.80
CA SER G 71 10.58 -16.74 18.98
C SER G 71 10.56 -16.36 20.46
N CYS G 72 11.01 -15.14 20.73
CA CYS G 72 11.03 -14.59 22.08
C CYS G 72 9.74 -13.83 22.33
N PRO G 73 8.89 -14.27 23.26
CA PRO G 73 7.58 -13.63 23.40
C PRO G 73 7.62 -12.39 24.27
N LYS G 74 6.82 -11.39 23.88
CA LYS G 74 6.71 -10.16 24.67
C LYS G 74 6.12 -10.40 26.05
N SER G 75 5.32 -11.45 26.21
CA SER G 75 4.74 -11.80 27.50
C SER G 75 4.63 -13.31 27.59
N GLU G 76 4.13 -13.78 28.72
CA GLU G 76 4.04 -15.22 28.96
C GLU G 76 3.11 -15.87 27.93
N VAL G 77 3.35 -17.15 27.67
CA VAL G 77 2.67 -17.89 26.61
C VAL G 77 2.17 -19.20 27.18
N ARG G 78 0.91 -19.53 26.90
CA ARG G 78 0.31 -20.78 27.33
C ARG G 78 -0.50 -21.36 26.18
N ALA G 79 -0.27 -22.63 25.88
CA ALA G 79 -0.83 -23.26 24.69
C ALA G 79 -1.37 -24.65 25.02
N LYS G 80 -2.55 -24.93 24.49
CA LYS G 80 -3.06 -26.29 24.36
C LYS G 80 -2.76 -26.78 22.95
N PHE G 81 -2.33 -28.03 22.83
CA PHE G 81 -1.93 -28.56 21.53
C PHE G 81 -2.45 -29.98 21.36
N LYS G 82 -2.67 -30.36 20.10
CA LYS G 82 -3.10 -31.70 19.74
C LYS G 82 -2.34 -32.14 18.51
N PHE G 83 -1.72 -33.31 18.57
CA PHE G 83 -1.02 -33.91 17.45
C PHE G 83 -1.83 -35.07 16.90
N SER G 84 -1.89 -35.17 15.58
CA SER G 84 -2.58 -36.28 14.90
C SER G 84 -1.77 -36.71 13.69
N ILE G 85 -2.02 -37.93 13.25
CA ILE G 85 -1.46 -38.45 12.00
C ILE G 85 -2.59 -38.51 10.98
N LEU G 86 -2.26 -38.18 9.73
CA LEU G 86 -3.20 -38.31 8.62
C LEU G 86 -2.88 -39.59 7.86
N ASN G 87 -3.83 -40.52 7.83
CA ASN G 87 -3.60 -41.82 7.21
C ASN G 87 -3.72 -41.71 5.70
N ALA G 88 -3.66 -42.86 5.01
CA ALA G 88 -3.67 -42.86 3.55
C ALA G 88 -4.96 -42.26 2.99
N LYS G 89 -6.06 -42.38 3.72
CA LYS G 89 -7.33 -41.78 3.32
C LYS G 89 -7.46 -40.33 3.77
N GLY G 90 -6.38 -39.73 4.28
CA GLY G 90 -6.42 -38.35 4.70
C GLY G 90 -7.18 -38.09 5.99
N GLU G 91 -7.54 -39.13 6.73
CA GLU G 91 -8.28 -38.98 7.97
C GLU G 91 -7.34 -38.91 9.16
N GLU G 92 -7.77 -38.19 10.19
CA GLU G 92 -6.99 -38.05 11.41
C GLU G 92 -7.10 -39.31 12.25
N THR G 93 -5.96 -39.75 12.79
CA THR G 93 -5.93 -40.93 13.66
C THR G 93 -4.75 -40.81 14.60
N LYS G 94 -4.76 -41.65 15.63
CA LYS G 94 -3.69 -41.69 16.63
C LYS G 94 -3.49 -40.33 17.29
N ALA G 95 -4.59 -39.60 17.47
CA ALA G 95 -4.53 -38.27 18.06
C ALA G 95 -4.04 -38.34 19.49
N MET G 96 -3.34 -37.28 19.91
CA MET G 96 -2.85 -37.15 21.27
C MET G 96 -2.78 -35.66 21.60
N GLU G 97 -3.51 -35.24 22.62
CA GLU G 97 -3.59 -33.83 22.96
C GLU G 97 -3.26 -33.62 24.43
N SER G 98 -2.67 -32.46 24.71
CA SER G 98 -2.47 -32.05 26.10
C SER G 98 -3.83 -31.81 26.76
N GLN G 99 -3.97 -32.30 27.99
CA GLN G 99 -5.23 -32.13 28.70
C GLN G 99 -5.42 -30.71 29.19
N ARG G 100 -4.34 -29.94 29.32
CA ARG G 100 -4.39 -28.57 29.79
C ARG G 100 -3.47 -27.72 28.93
N ALA G 101 -3.43 -26.43 29.22
CA ALA G 101 -2.46 -25.55 28.60
C ALA G 101 -1.12 -25.67 29.31
N TYR G 102 -0.05 -25.49 28.54
CA TYR G 102 1.31 -25.57 29.08
C TYR G 102 2.04 -24.26 28.81
N ARG G 103 2.93 -23.91 29.73
CA ARG G 103 3.66 -22.65 29.63
C ARG G 103 4.87 -22.80 28.72
N PHE G 104 4.98 -21.91 27.74
CA PHE G 104 6.08 -21.92 26.79
C PHE G 104 6.93 -20.66 26.97
N VAL G 105 8.24 -20.84 27.12
CA VAL G 105 9.20 -19.77 26.92
C VAL G 105 10.02 -20.11 25.68
N GLN G 106 10.86 -19.18 25.26
CA GLN G 106 11.68 -19.40 24.07
C GLN G 106 12.54 -20.64 24.25
N GLY G 107 12.50 -21.53 23.25
CA GLY G 107 13.24 -22.77 23.30
C GLY G 107 12.58 -23.88 24.09
N LYS G 108 11.50 -23.60 24.79
CA LYS G 108 10.80 -24.62 25.57
C LYS G 108 9.93 -25.47 24.65
N ASP G 109 10.00 -26.79 24.82
CA ASP G 109 9.16 -27.69 24.07
C ASP G 109 8.22 -28.44 25.01
N TRP G 110 7.07 -28.84 24.46
CA TRP G 110 6.13 -29.71 25.15
C TRP G 110 5.59 -30.69 24.12
N GLY G 111 5.45 -31.94 24.52
CA GLY G 111 4.93 -32.95 23.60
C GLY G 111 4.73 -34.30 24.25
N PHE G 112 4.94 -35.36 23.47
CA PHE G 112 4.68 -36.73 23.94
C PHE G 112 5.86 -37.60 23.59
N LYS G 113 6.58 -38.06 24.63
CA LYS G 113 7.73 -38.93 24.45
C LYS G 113 7.33 -40.22 23.72
N LYS G 114 6.15 -40.74 24.02
CA LYS G 114 5.65 -41.98 23.42
C LYS G 114 4.41 -41.64 22.59
N PHE G 115 4.62 -40.88 21.51
CA PHE G 115 3.50 -40.47 20.68
C PHE G 115 2.89 -41.66 19.95
N ILE G 116 3.72 -42.53 19.36
CA ILE G 116 3.23 -43.71 18.66
C ILE G 116 4.36 -44.73 18.63
N ARG G 117 3.99 -46.01 18.71
CA ARG G 117 4.97 -47.08 18.64
C ARG G 117 5.51 -47.20 17.21
N ARG G 118 6.83 -47.37 17.11
CA ARG G 118 7.46 -47.48 15.79
C ARG G 118 6.91 -48.66 15.01
N ASN G 119 6.67 -49.78 15.69
CA ASN G 119 6.18 -50.97 14.99
C ASN G 119 4.77 -50.76 14.46
N PHE G 120 3.92 -50.08 15.22
CA PHE G 120 2.59 -49.74 14.71
C PHE G 120 2.69 -48.81 13.51
N LEU G 121 3.57 -47.81 13.59
CA LEU G 121 3.73 -46.86 12.49
C LEU G 121 4.24 -47.56 11.24
N LEU G 122 5.21 -48.46 11.41
CA LEU G 122 5.82 -49.14 10.27
C LEU G 122 5.03 -50.35 9.80
N ASP G 123 4.02 -50.77 10.54
CA ASP G 123 3.12 -51.82 10.08
C ASP G 123 2.38 -51.30 8.84
N GLU G 124 2.86 -51.69 7.65
CA GLU G 124 2.22 -51.31 6.39
C GLU G 124 0.71 -51.53 6.37
N ALA G 125 0.19 -52.43 7.22
CA ALA G 125 -1.25 -52.62 7.33
C ALA G 125 -1.98 -51.36 7.77
N ASN G 126 -1.42 -50.64 8.74
CA ASN G 126 -2.12 -49.52 9.38
C ASN G 126 -2.25 -48.28 8.50
N GLY G 127 -1.56 -48.20 7.36
CA GLY G 127 -1.77 -47.08 6.46
C GLY G 127 -1.38 -45.72 6.99
N LEU G 128 -0.34 -45.66 7.83
CA LEU G 128 0.14 -44.41 8.40
C LEU G 128 1.35 -43.86 7.66
N LEU G 129 1.94 -44.63 6.75
CA LEU G 129 3.07 -44.17 5.94
C LEU G 129 2.79 -44.41 4.47
N PRO G 130 1.78 -43.75 3.90
CA PRO G 130 1.53 -43.90 2.46
C PRO G 130 2.68 -43.28 1.67
N ASP G 131 3.20 -44.04 0.70
CA ASP G 131 4.34 -43.62 -0.11
C ASP G 131 5.56 -43.31 0.76
N ASP G 132 5.67 -43.99 1.90
CA ASP G 132 6.73 -43.77 2.88
C ASP G 132 6.74 -42.34 3.40
N LYS G 133 5.57 -41.71 3.44
CA LYS G 133 5.43 -40.34 3.93
C LYS G 133 4.65 -40.34 5.23
N LEU G 134 5.22 -39.70 6.25
CA LEU G 134 4.52 -39.45 7.51
C LEU G 134 4.00 -38.03 7.50
N THR G 135 2.68 -37.87 7.53
CA THR G 135 2.05 -36.56 7.52
C THR G 135 1.44 -36.29 8.90
N LEU G 136 1.93 -35.23 9.55
CA LEU G 136 1.51 -34.88 10.90
C LEU G 136 0.65 -33.63 10.86
N PHE G 137 -0.35 -33.60 11.73
CA PHE G 137 -1.30 -32.48 11.83
C PHE G 137 -1.31 -31.99 13.27
N CYS G 138 -0.94 -30.72 13.46
CA CYS G 138 -0.80 -30.14 14.78
C CYS G 138 -1.75 -28.96 14.91
N GLU G 139 -2.59 -28.99 15.95
CA GLU G 139 -3.54 -27.92 16.23
C GLU G 139 -3.21 -27.32 17.59
N VAL G 140 -3.11 -25.99 17.65
CA VAL G 140 -2.68 -25.28 18.84
C VAL G 140 -3.61 -24.12 19.11
N SER G 141 -3.89 -23.88 20.38
CA SER G 141 -4.62 -22.69 20.83
C SER G 141 -3.80 -22.01 21.93
N VAL G 142 -3.37 -20.78 21.69
CA VAL G 142 -2.59 -19.99 22.64
C VAL G 142 -3.49 -18.94 23.26
N VAL G 143 -3.44 -18.83 24.58
CA VAL G 143 -4.36 -17.98 25.35
C VAL G 143 -3.63 -16.87 26.10
N GLN G 144 -2.33 -16.68 25.83
CA GLN G 144 -1.55 -15.75 26.65
C GLN G 144 -0.83 -14.70 25.81
N ASP G 145 -0.42 -15.06 24.59
CA ASP G 145 0.28 -14.12 23.72
C ASP G 145 0.08 -14.48 22.25
N LYS H 1 0.24 -37.80 30.23
CA LYS H 1 0.42 -36.35 30.26
C LYS H 1 1.55 -35.93 29.33
N ALA H 2 1.57 -34.64 28.99
CA ALA H 2 2.61 -34.10 28.13
C ALA H 2 3.91 -33.94 28.91
N ASP H 3 5.02 -34.21 28.24
CA ASP H 3 6.35 -34.11 28.84
C ASP H 3 7.18 -33.07 28.10
N THR H 4 8.35 -32.78 28.66
CA THR H 4 9.27 -31.80 28.09
C THR H 4 10.70 -32.32 28.21
N THR H 5 11.53 -31.92 27.26
CA THR H 5 12.95 -32.28 27.29
C THR H 5 13.82 -31.24 27.98
N THR H 6 13.36 -30.00 28.05
CA THR H 6 14.04 -28.83 28.63
C THR H 6 13.56 -28.59 30.06
N PRO H 7 14.45 -28.24 31.00
CA PRO H 7 14.05 -27.88 32.36
C PRO H 7 13.64 -26.42 32.51
#